data_9L4T
#
_entry.id   9L4T
#
_cell.length_a   122.954
_cell.length_b   67.416
_cell.length_c   59.251
_cell.angle_alpha   90.00
_cell.angle_beta   117.48
_cell.angle_gamma   90.00
#
_symmetry.space_group_name_H-M   'C 1 2 1'
#
loop_
_entity.id
_entity.type
_entity.pdbx_description
1 polymer BurB
2 non-polymer METHIONINE
3 water water
#
_entity_poly.entity_id   1
_entity_poly.type   'polypeptide(L)'
_entity_poly.pdbx_seq_one_letter_code
;MTITLIEPVQQRTGIYPSSDLKVEDGYPSSDTFQIIQTQDGRGAGVRVLKTFARGRRMARVSGQITAFCRLHTLQINAHT
HLYDPHFSGLLLHSCVPNVRLDMAGFELWSLRDIAAGEMLTMDYASTEDVLMRQFECHCGAPNCRRWITGAKELPNDIGQ
ALLAGLRAAALALEHHHHHH
;
_entity_poly.pdbx_strand_id   A,B
#
# COMPACT_ATOMS: atom_id res chain seq x y z
N ARG A 12 2.50 -6.87 -31.37
CA ARG A 12 1.38 -7.15 -30.48
C ARG A 12 0.46 -5.95 -30.36
N THR A 13 -0.80 -6.21 -30.03
CA THR A 13 -1.83 -5.18 -29.91
C THR A 13 -2.11 -4.84 -28.46
N GLY A 14 -2.28 -3.54 -28.16
CA GLY A 14 -2.22 -3.04 -26.80
C GLY A 14 -3.56 -2.60 -26.24
N ILE A 15 -3.67 -2.67 -24.91
CA ILE A 15 -4.91 -2.22 -24.25
C ILE A 15 -5.15 -0.73 -24.50
N TYR A 16 -4.11 0.10 -24.41
CA TYR A 16 -4.31 1.55 -24.54
C TYR A 16 -4.64 1.89 -25.99
N PRO A 17 -5.74 2.63 -26.24
CA PRO A 17 -6.06 2.99 -27.65
C PRO A 17 -4.93 3.71 -28.35
N SER A 18 -4.35 4.73 -27.72
CA SER A 18 -3.27 5.52 -28.31
C SER A 18 -2.22 4.62 -28.98
N SER A 19 -1.93 4.93 -30.24
CA SER A 19 -0.85 4.29 -30.98
C SER A 19 0.54 4.82 -30.59
N ASP A 20 0.61 5.78 -29.66
CA ASP A 20 1.89 6.23 -29.12
C ASP A 20 2.47 5.26 -28.11
N LEU A 21 1.63 4.43 -27.50
CA LEU A 21 2.04 3.51 -26.45
C LEU A 21 2.17 2.13 -27.05
N LYS A 22 3.37 1.56 -26.98
CA LYS A 22 3.73 0.34 -27.70
C LYS A 22 3.94 -0.80 -26.71
N VAL A 23 3.45 -1.98 -27.09
CA VAL A 23 3.53 -3.16 -26.24
C VAL A 23 4.98 -3.54 -25.99
N GLU A 24 5.84 -3.39 -27.01
CA GLU A 24 7.25 -3.77 -26.88
C GLU A 24 8.00 -2.88 -25.89
N ASP A 25 7.44 -1.73 -25.53
CA ASP A 25 7.98 -0.87 -24.49
C ASP A 25 7.41 -1.18 -23.11
N GLY A 26 6.60 -2.24 -22.98
CA GLY A 26 6.04 -2.65 -21.71
C GLY A 26 4.60 -2.22 -21.45
N TYR A 27 3.94 -1.58 -22.41
CA TYR A 27 2.56 -1.19 -22.18
C TYR A 27 1.67 -2.40 -22.40
N PRO A 28 0.54 -2.49 -21.67
CA PRO A 28 -0.16 -3.78 -21.57
C PRO A 28 -0.76 -4.25 -22.90
N SER A 29 -0.72 -5.56 -23.11
CA SER A 29 -1.29 -6.17 -24.30
C SER A 29 -2.46 -7.08 -23.93
N SER A 30 -3.47 -7.11 -24.81
CA SER A 30 -4.62 -7.98 -24.63
C SER A 30 -4.27 -9.47 -24.68
N ASP A 31 -3.13 -9.83 -25.27
CA ASP A 31 -2.71 -11.22 -25.13
C ASP A 31 -2.28 -11.55 -23.72
N THR A 32 -2.21 -10.55 -22.82
CA THR A 32 -1.85 -10.71 -21.43
C THR A 32 -2.92 -10.25 -20.46
N PHE A 33 -3.69 -9.23 -20.81
CA PHE A 33 -4.71 -8.66 -19.93
C PHE A 33 -6.07 -8.69 -20.62
N GLN A 34 -7.08 -9.16 -19.91
CA GLN A 34 -8.45 -9.14 -20.40
C GLN A 34 -9.27 -8.21 -19.51
N ILE A 35 -10.02 -7.30 -20.13
CA ILE A 35 -10.90 -6.40 -19.39
C ILE A 35 -12.26 -7.08 -19.29
N ILE A 36 -12.76 -7.23 -18.07
CA ILE A 36 -14.02 -7.95 -17.83
C ILE A 36 -15.16 -6.93 -17.85
N GLN A 37 -16.10 -7.12 -18.77
CA GLN A 37 -17.29 -6.28 -18.84
C GLN A 37 -18.50 -7.03 -18.29
N THR A 38 -19.51 -6.27 -17.88
CA THR A 38 -20.78 -6.85 -17.46
C THR A 38 -21.73 -6.88 -18.66
N GLN A 39 -23.01 -7.22 -18.43
CA GLN A 39 -23.96 -7.32 -19.54
C GLN A 39 -24.05 -6.01 -20.32
N ASP A 40 -23.74 -4.91 -19.68
CA ASP A 40 -23.69 -3.65 -20.41
C ASP A 40 -22.26 -3.15 -20.61
N GLY A 41 -21.99 -1.89 -20.32
CA GLY A 41 -20.66 -1.38 -20.61
C GLY A 41 -19.80 -1.16 -19.38
N ARG A 42 -20.42 -1.10 -18.20
CA ARG A 42 -19.67 -0.92 -16.97
C ARG A 42 -18.77 -2.12 -16.72
N GLY A 43 -17.59 -1.86 -16.16
CA GLY A 43 -16.59 -2.90 -16.07
C GLY A 43 -16.72 -3.79 -14.84
N ALA A 44 -15.91 -4.85 -14.83
CA ALA A 44 -15.87 -5.77 -13.70
C ALA A 44 -14.45 -6.33 -13.50
N GLY A 45 -13.44 -5.46 -13.50
CA GLY A 45 -12.08 -5.84 -13.16
C GLY A 45 -11.22 -6.15 -14.38
N VAL A 46 -9.96 -6.44 -14.11
CA VAL A 46 -8.98 -6.82 -15.12
C VAL A 46 -8.40 -8.17 -14.75
N ARG A 47 -8.34 -9.08 -15.71
CA ARG A 47 -7.84 -10.44 -15.49
C ARG A 47 -6.56 -10.66 -16.28
N VAL A 48 -5.60 -11.36 -15.66
CA VAL A 48 -4.34 -11.68 -16.33
C VAL A 48 -4.48 -13.00 -17.08
N LEU A 49 -3.96 -13.03 -18.30
CA LEU A 49 -4.04 -14.25 -19.09
C LEU A 49 -2.79 -15.10 -18.95
N LYS A 50 -1.71 -14.56 -18.42
CA LYS A 50 -0.46 -15.28 -18.21
C LYS A 50 -0.09 -15.24 -16.73
N THR A 51 0.73 -16.18 -16.32
CA THR A 51 1.21 -16.22 -14.95
C THR A 51 2.35 -15.21 -14.76
N PHE A 52 2.35 -14.55 -13.59
CA PHE A 52 3.39 -13.57 -13.24
C PHE A 52 3.99 -13.97 -11.91
N ALA A 53 5.31 -14.13 -11.87
CA ALA A 53 6.01 -14.27 -10.60
C ALA A 53 5.98 -12.96 -9.83
N ARG A 54 6.00 -13.06 -8.50
CA ARG A 54 6.03 -11.86 -7.67
C ARG A 54 7.28 -11.05 -7.95
N GLY A 55 7.15 -9.73 -7.78
CA GLY A 55 8.30 -8.84 -7.91
C GLY A 55 8.70 -8.58 -9.35
N ARG A 56 7.72 -8.51 -10.25
CA ARG A 56 7.96 -8.23 -11.66
C ARG A 56 7.09 -7.09 -12.11
N ARG A 57 7.61 -6.30 -13.04
CA ARG A 57 6.80 -5.29 -13.70
C ARG A 57 5.86 -5.96 -14.69
N MET A 58 4.55 -5.83 -14.45
CA MET A 58 3.54 -6.40 -15.33
C MET A 58 3.13 -5.47 -16.46
N ALA A 59 3.27 -4.16 -16.28
CA ALA A 59 2.83 -3.22 -17.31
C ALA A 59 3.30 -1.81 -16.99
N ARG A 60 3.57 -1.03 -18.04
CA ARG A 60 3.62 0.42 -17.85
C ARG A 60 2.20 0.97 -17.91
N VAL A 61 1.97 2.02 -17.14
CA VAL A 61 0.65 2.64 -17.04
C VAL A 61 0.68 3.99 -17.73
N SER A 62 -0.48 4.40 -18.27
CA SER A 62 -0.60 5.73 -18.82
C SER A 62 -2.05 6.19 -18.65
N GLY A 63 -2.37 7.31 -19.27
CA GLY A 63 -3.61 8.02 -19.03
C GLY A 63 -3.42 9.50 -19.28
N GLN A 64 -4.45 10.27 -18.92
CA GLN A 64 -4.44 11.71 -19.14
C GLN A 64 -4.40 12.45 -17.81
N ILE A 65 -3.53 13.46 -17.72
CA ILE A 65 -3.47 14.29 -16.52
C ILE A 65 -4.80 14.98 -16.31
N THR A 66 -5.25 15.02 -15.06
CA THR A 66 -6.43 15.80 -14.74
C THR A 66 -6.31 16.29 -13.31
N ALA A 67 -6.98 17.42 -13.03
CA ALA A 67 -6.97 18.07 -11.74
C ALA A 67 -7.97 17.48 -10.75
N PHE A 68 -8.93 16.68 -11.21
CA PHE A 68 -10.07 16.31 -10.39
C PHE A 68 -10.14 14.79 -10.22
N CYS A 69 -10.14 14.35 -8.97
CA CYS A 69 -10.46 12.97 -8.66
C CYS A 69 -11.80 12.61 -9.28
N ARG A 70 -11.92 11.36 -9.73
CA ARG A 70 -13.06 10.93 -10.52
C ARG A 70 -13.09 9.41 -10.52
N LEU A 71 -14.18 8.84 -11.03
CA LEU A 71 -14.16 7.43 -11.37
C LEU A 71 -13.05 7.18 -12.38
N HIS A 72 -12.28 6.12 -12.17
CA HIS A 72 -11.17 5.72 -13.04
C HIS A 72 -9.97 6.67 -13.01
N THR A 73 -9.85 7.55 -12.01
CA THR A 73 -8.59 8.28 -11.83
C THR A 73 -7.82 7.66 -10.67
N LEU A 74 -6.50 7.65 -10.82
CA LEU A 74 -5.59 7.32 -9.74
C LEU A 74 -4.79 8.56 -9.40
N GLN A 75 -4.50 8.75 -8.12
CA GLN A 75 -3.87 9.98 -7.62
C GLN A 75 -2.38 9.97 -7.89
N ILE A 76 -1.87 11.06 -8.45
CA ILE A 76 -0.43 11.20 -8.71
C ILE A 76 0.28 11.90 -7.56
N ASN A 77 -0.27 13.01 -7.10
CA ASN A 77 0.29 13.79 -6.01
C ASN A 77 -0.91 14.48 -5.35
N ALA A 78 -0.66 15.49 -4.52
CA ALA A 78 -1.77 15.97 -3.69
C ALA A 78 -2.87 16.66 -4.46
N HIS A 79 -2.66 17.03 -5.73
CA HIS A 79 -3.67 17.82 -6.44
C HIS A 79 -3.84 17.37 -7.86
N THR A 80 -3.18 16.30 -8.28
CA THR A 80 -3.21 15.86 -9.66
C THR A 80 -3.51 14.38 -9.71
N HIS A 81 -4.21 13.96 -10.76
CA HIS A 81 -4.73 12.62 -10.85
C HIS A 81 -4.53 12.15 -12.27
N LEU A 82 -4.46 10.83 -12.43
CA LEU A 82 -4.30 10.20 -13.72
C LEU A 82 -5.61 9.56 -14.11
N TYR A 83 -6.21 10.06 -15.19
CA TYR A 83 -7.45 9.50 -15.74
C TYR A 83 -7.10 8.34 -16.67
N ASP A 84 -7.46 7.12 -16.26
CA ASP A 84 -7.16 5.92 -17.04
C ASP A 84 -8.37 5.00 -17.03
N PRO A 85 -9.35 5.25 -17.90
CA PRO A 85 -10.48 4.33 -18.04
C PRO A 85 -10.18 3.13 -18.90
N HIS A 86 -8.95 2.96 -19.40
CA HIS A 86 -8.66 1.81 -20.26
C HIS A 86 -8.00 0.64 -19.53
N PHE A 87 -7.28 0.89 -18.44
CA PHE A 87 -6.47 -0.16 -17.81
C PHE A 87 -6.49 -0.05 -16.30
N SER A 88 -5.67 0.85 -15.73
CA SER A 88 -5.41 0.78 -14.30
C SER A 88 -6.61 1.26 -13.47
N GLY A 89 -7.40 2.20 -13.98
CA GLY A 89 -8.60 2.63 -13.31
C GLY A 89 -9.72 1.60 -13.33
N LEU A 90 -9.51 0.47 -14.00
CA LEU A 90 -10.46 -0.61 -14.04
C LEU A 90 -10.18 -1.70 -13.01
N LEU A 91 -9.12 -1.56 -12.21
CA LEU A 91 -8.78 -2.62 -11.27
C LEU A 91 -9.70 -2.53 -10.07
N LEU A 92 -10.27 -3.68 -9.70
CA LEU A 92 -11.10 -3.74 -8.51
C LEU A 92 -10.22 -3.70 -7.27
N HIS A 93 -10.82 -3.29 -6.16
CA HIS A 93 -10.11 -3.21 -4.90
C HIS A 93 -10.02 -4.58 -4.22
N SER A 94 -8.97 -4.77 -3.43
CA SER A 94 -8.95 -5.87 -2.47
C SER A 94 -8.10 -5.48 -1.28
N CYS A 95 -8.52 -5.94 -0.09
CA CYS A 95 -7.75 -5.66 1.11
C CYS A 95 -6.48 -6.51 1.21
N VAL A 96 -6.35 -7.54 0.37
CA VAL A 96 -5.10 -8.30 0.27
C VAL A 96 -4.73 -8.37 -1.21
N PRO A 97 -4.25 -7.28 -1.80
CA PRO A 97 -4.13 -7.22 -3.26
C PRO A 97 -2.96 -8.06 -3.80
N ASN A 98 -3.07 -8.42 -5.08
CA ASN A 98 -1.95 -9.09 -5.72
C ASN A 98 -1.06 -8.15 -6.53
N VAL A 99 -1.48 -6.90 -6.79
CA VAL A 99 -0.63 -5.98 -7.56
C VAL A 99 -0.52 -4.65 -6.85
N ARG A 100 0.57 -3.95 -7.12
CA ARG A 100 0.81 -2.61 -6.60
C ARG A 100 0.97 -1.62 -7.75
N LEU A 101 0.29 -0.48 -7.63
CA LEU A 101 0.44 0.60 -8.58
C LEU A 101 1.52 1.56 -8.05
N ASP A 102 2.57 1.75 -8.83
CA ASP A 102 3.60 2.71 -8.52
C ASP A 102 3.28 3.99 -9.27
N MET A 103 2.86 5.04 -8.55
CA MET A 103 2.43 6.27 -9.18
C MET A 103 3.57 7.29 -9.34
N ALA A 104 4.81 6.92 -9.05
CA ALA A 104 5.96 7.76 -9.38
C ALA A 104 6.57 7.33 -10.71
N GLY A 105 6.77 6.02 -10.86
CA GLY A 105 7.22 5.48 -12.12
C GLY A 105 6.14 5.08 -13.09
N PHE A 106 4.86 5.12 -12.67
CA PHE A 106 3.72 4.74 -13.51
C PHE A 106 3.86 3.31 -14.08
N GLU A 107 3.76 2.33 -13.18
CA GLU A 107 3.98 0.92 -13.49
C GLU A 107 3.15 0.03 -12.55
N LEU A 108 2.75 -1.13 -13.09
CA LEU A 108 2.01 -2.14 -12.33
C LEU A 108 2.97 -3.28 -11.96
N TRP A 109 3.14 -3.53 -10.66
CA TRP A 109 4.03 -4.60 -10.17
C TRP A 109 3.27 -5.67 -9.41
N SER A 110 3.72 -6.93 -9.54
CA SER A 110 3.09 -8.03 -8.85
C SER A 110 3.58 -8.07 -7.41
N LEU A 111 2.66 -7.98 -6.45
CA LEU A 111 3.03 -8.11 -5.04
C LEU A 111 3.26 -9.57 -4.67
N ARG A 112 2.55 -10.49 -5.31
CA ARG A 112 2.70 -11.91 -5.01
C ARG A 112 2.60 -12.68 -6.31
N ASP A 113 2.76 -14.01 -6.22
CA ASP A 113 2.63 -14.86 -7.40
C ASP A 113 1.18 -14.83 -7.88
N ILE A 114 0.99 -14.67 -9.18
CA ILE A 114 -0.32 -14.51 -9.79
C ILE A 114 -0.44 -15.58 -10.85
N ALA A 115 -1.44 -16.44 -10.72
CA ALA A 115 -1.69 -17.51 -11.69
C ALA A 115 -2.49 -16.96 -12.87
N ALA A 116 -2.20 -17.48 -14.07
CA ALA A 116 -3.02 -17.19 -15.23
C ALA A 116 -4.51 -17.37 -14.90
N GLY A 117 -5.32 -16.38 -15.34
CA GLY A 117 -6.74 -16.35 -15.04
C GLY A 117 -7.13 -15.55 -13.81
N GLU A 118 -6.17 -15.18 -12.97
CA GLU A 118 -6.48 -14.50 -11.73
C GLU A 118 -6.91 -13.07 -11.97
N MET A 119 -7.87 -12.62 -11.16
CA MET A 119 -8.25 -11.22 -11.13
C MET A 119 -7.11 -10.39 -10.55
N LEU A 120 -6.92 -9.19 -11.08
CA LEU A 120 -5.91 -8.29 -10.54
C LEU A 120 -6.60 -7.28 -9.63
N THR A 121 -6.09 -7.13 -8.42
CA THR A 121 -6.74 -6.31 -7.42
C THR A 121 -5.69 -5.43 -6.76
N MET A 122 -6.08 -4.20 -6.41
CA MET A 122 -5.18 -3.29 -5.70
C MET A 122 -5.90 -2.76 -4.47
N ASP A 123 -5.12 -2.37 -3.46
CA ASP A 123 -5.68 -1.65 -2.32
C ASP A 123 -5.87 -0.18 -2.70
N TYR A 124 -7.13 0.22 -2.92
CA TYR A 124 -7.43 1.59 -3.31
C TYR A 124 -6.82 2.59 -2.33
N ALA A 125 -6.76 2.23 -1.05
CA ALA A 125 -6.26 3.17 -0.05
C ALA A 125 -4.75 3.39 -0.19
N SER A 126 -4.02 2.50 -0.85
CA SER A 126 -2.58 2.71 -0.90
C SER A 126 -2.15 3.79 -1.89
N THR A 127 -3.07 4.28 -2.75
CA THR A 127 -2.78 5.41 -3.63
C THR A 127 -3.72 6.59 -3.45
N GLU A 128 -4.96 6.35 -3.00
CA GLU A 128 -6.00 7.38 -3.03
C GLU A 128 -6.23 8.02 -1.67
N ASP A 129 -6.17 9.36 -1.64
CA ASP A 129 -6.60 10.11 -0.46
C ASP A 129 -8.09 9.88 -0.18
N VAL A 130 -8.91 10.06 -1.22
CA VAL A 130 -10.36 9.99 -1.08
C VAL A 130 -10.85 9.29 -2.33
N LEU A 131 -12.04 8.68 -2.21
CA LEU A 131 -12.68 7.97 -3.30
C LEU A 131 -13.90 8.75 -3.77
N MET A 132 -14.17 8.66 -5.07
CA MET A 132 -15.41 9.20 -5.61
C MET A 132 -16.63 8.62 -4.91
N ARG A 133 -16.54 7.36 -4.46
CA ARG A 133 -17.62 6.73 -3.73
C ARG A 133 -17.05 5.68 -2.79
N GLN A 134 -17.55 5.63 -1.57
CA GLN A 134 -17.24 4.53 -0.67
C GLN A 134 -18.22 3.37 -0.89
N PHE A 135 -17.79 2.17 -0.50
CA PHE A 135 -18.54 0.96 -0.86
C PHE A 135 -18.12 -0.18 0.05
N GLU A 136 -19.03 -1.14 0.21
CA GLU A 136 -18.73 -2.36 0.97
C GLU A 136 -17.85 -3.30 0.17
N CYS A 137 -16.88 -3.88 0.86
CA CYS A 137 -15.91 -4.77 0.24
C CYS A 137 -16.28 -6.24 0.46
N HIS A 138 -16.09 -7.04 -0.58
CA HIS A 138 -16.29 -8.48 -0.53
C HIS A 138 -15.01 -9.22 -0.88
N CYS A 139 -13.91 -8.80 -0.35
CA CYS A 139 -12.74 -9.56 -0.65
C CYS A 139 -12.67 -10.87 0.13
N GLY A 140 -13.59 -11.11 1.06
CA GLY A 140 -13.54 -12.37 1.76
C GLY A 140 -12.42 -12.44 2.76
N ALA A 141 -11.35 -11.65 2.59
CA ALA A 141 -10.19 -11.75 3.44
C ALA A 141 -10.57 -11.67 4.92
N PRO A 142 -9.81 -12.36 5.78
CA PRO A 142 -10.07 -12.26 7.22
C PRO A 142 -9.89 -10.87 7.75
N ASN A 143 -8.91 -10.13 7.23
CA ASN A 143 -8.59 -8.80 7.74
C ASN A 143 -9.18 -7.69 6.87
N CYS A 144 -10.09 -8.05 5.97
CA CYS A 144 -10.80 -7.07 5.15
C CYS A 144 -11.49 -6.00 5.98
N ARG A 145 -11.28 -4.74 5.62
CA ARG A 145 -11.88 -3.62 6.37
C ARG A 145 -13.38 -3.49 6.16
N ARG A 146 -13.98 -4.30 5.27
CA ARG A 146 -15.42 -4.39 5.05
C ARG A 146 -15.99 -3.14 4.39
N TRP A 147 -15.51 -1.97 4.78
CA TRP A 147 -15.95 -0.71 4.21
C TRP A 147 -14.73 0.04 3.69
N ILE A 148 -14.80 0.48 2.43
CA ILE A 148 -13.63 0.98 1.71
C ILE A 148 -13.77 2.48 1.50
N THR A 149 -12.80 3.24 2.02
CA THR A 149 -12.67 4.67 1.75
C THR A 149 -11.26 4.93 1.23
N GLY A 150 -11.00 6.20 0.90
CA GLY A 150 -9.63 6.65 0.74
C GLY A 150 -8.86 6.62 2.05
N ALA A 151 -7.53 6.69 1.93
CA ALA A 151 -6.67 6.67 3.11
C ALA A 151 -6.93 7.86 4.04
N LYS A 152 -7.31 9.01 3.50
CA LYS A 152 -7.50 10.21 4.31
C LYS A 152 -8.97 10.56 4.48
N GLU A 153 -9.82 9.53 4.47
CA GLU A 153 -11.26 9.73 4.37
C GLU A 153 -11.96 8.98 5.50
N LEU A 154 -12.83 9.68 6.23
CA LEU A 154 -13.56 8.96 7.26
C LEU A 154 -14.76 8.23 6.63
N PRO A 155 -15.12 7.04 7.14
CA PRO A 155 -16.35 6.39 6.66
C PRO A 155 -17.56 7.28 6.87
N ASN A 156 -18.39 7.38 5.82
CA ASN A 156 -19.62 8.16 5.88
C ASN A 156 -20.66 7.42 6.74
N ASP A 157 -21.83 8.04 6.88
CA ASP A 157 -22.80 7.50 7.84
C ASP A 157 -23.25 6.10 7.44
N ILE A 158 -23.47 5.85 6.15
CA ILE A 158 -23.74 4.49 5.67
C ILE A 158 -22.64 3.55 6.12
N GLY A 159 -21.38 3.94 5.88
CA GLY A 159 -20.26 3.10 6.27
C GLY A 159 -20.15 2.91 7.76
N GLN A 160 -20.38 3.97 8.55
CA GLN A 160 -20.36 3.82 10.00
C GLN A 160 -21.46 2.86 10.45
N ALA A 161 -22.63 2.96 9.84
CA ALA A 161 -23.75 2.06 10.16
C ALA A 161 -23.39 0.60 9.94
N LEU A 162 -22.95 0.26 8.72
CA LEU A 162 -22.54 -1.12 8.43
C LEU A 162 -21.41 -1.55 9.34
N LEU A 163 -20.42 -0.67 9.55
CA LEU A 163 -19.32 -0.96 10.48
C LEU A 163 -19.85 -1.22 11.89
N ALA A 164 -20.94 -0.55 12.27
CA ALA A 164 -21.52 -0.78 13.58
C ALA A 164 -22.32 -2.08 13.60
N GLY A 165 -23.23 -2.26 12.63
CA GLY A 165 -23.99 -3.49 12.51
C GLY A 165 -23.11 -4.73 12.42
N LEU A 166 -21.85 -4.56 12.00
CA LEU A 166 -20.88 -5.65 12.00
C LEU A 166 -20.22 -5.81 13.37
N ARG A 167 -20.13 -4.70 14.09
CA ARG A 167 -19.52 -4.71 15.43
C ARG A 167 -20.40 -5.44 16.41
N ALA A 168 -21.56 -5.88 15.94
CA ALA A 168 -22.41 -6.70 16.79
C ALA A 168 -21.84 -8.09 16.63
N ALA A 169 -20.71 -8.36 17.27
CA ALA A 169 -20.05 -9.63 17.11
C ALA A 169 -19.53 -10.08 18.46
N ARG B 12 3.86 20.37 25.37
CA ARG B 12 4.03 18.92 25.29
C ARG B 12 5.42 18.57 24.76
N THR B 13 5.73 17.28 24.68
CA THR B 13 7.07 16.83 24.33
C THR B 13 7.05 15.85 23.16
N GLY B 14 8.04 15.98 22.28
CA GLY B 14 8.08 15.24 21.02
C GLY B 14 9.16 14.20 20.88
N ILE B 15 8.95 13.26 19.95
CA ILE B 15 9.91 12.17 19.72
C ILE B 15 11.11 12.63 18.91
N TYR B 16 10.88 13.41 17.86
CA TYR B 16 11.98 13.94 17.08
C TYR B 16 12.85 14.82 17.96
N PRO B 17 14.15 14.54 18.10
CA PRO B 17 14.98 15.33 19.02
C PRO B 17 15.17 16.77 18.56
N SER B 18 14.97 17.07 17.27
CA SER B 18 15.12 18.45 16.83
C SER B 18 14.06 19.33 17.47
N SER B 19 14.48 20.51 17.90
CA SER B 19 13.57 21.45 18.57
C SER B 19 12.71 22.24 17.60
N ASP B 20 12.93 22.14 16.28
CA ASP B 20 12.10 22.87 15.33
C ASP B 20 10.80 22.15 15.00
N LEU B 21 10.63 20.92 15.44
CA LEU B 21 9.42 20.12 15.17
C LEU B 21 8.52 20.11 16.41
N LYS B 22 7.40 20.80 16.34
CA LYS B 22 6.55 20.97 17.50
C LYS B 22 5.35 20.07 17.56
N VAL B 23 5.01 19.62 18.76
CA VAL B 23 3.86 18.74 18.91
C VAL B 23 2.59 19.47 18.49
N GLU B 24 2.53 20.79 18.73
CA GLU B 24 1.33 21.56 18.40
C GLU B 24 1.06 21.63 16.90
N ASP B 25 2.07 21.36 16.06
CA ASP B 25 1.88 21.37 14.61
C ASP B 25 1.54 19.99 14.05
N GLY B 26 1.64 18.94 14.86
CA GLY B 26 1.20 17.61 14.48
C GLY B 26 2.29 16.56 14.66
N TYR B 27 3.47 17.00 15.10
CA TYR B 27 4.58 16.07 15.18
C TYR B 27 4.42 15.15 16.41
N PRO B 28 4.91 13.91 16.34
CA PRO B 28 4.52 12.91 17.34
C PRO B 28 4.96 13.29 18.74
N SER B 29 4.09 13.04 19.71
CA SER B 29 4.36 13.31 21.12
C SER B 29 4.52 12.00 21.87
N SER B 30 5.43 11.98 22.85
CA SER B 30 5.55 10.81 23.71
C SER B 30 4.29 10.58 24.54
N ASP B 31 3.37 11.54 24.56
CA ASP B 31 2.09 11.33 25.21
C ASP B 31 1.11 10.57 24.31
N THR B 32 1.42 10.41 23.03
CA THR B 32 0.60 9.64 22.08
C THR B 32 1.29 8.38 21.59
N PHE B 33 2.63 8.39 21.47
CA PHE B 33 3.41 7.29 20.92
C PHE B 33 4.55 6.91 21.85
N GLN B 34 4.96 5.65 21.76
CA GLN B 34 5.97 5.06 22.63
C GLN B 34 6.88 4.16 21.82
N ILE B 35 8.18 4.40 21.90
CA ILE B 35 9.17 3.55 21.22
C ILE B 35 9.44 2.30 22.05
N ILE B 36 9.11 1.14 21.49
CA ILE B 36 9.22 -0.13 22.21
C ILE B 36 10.60 -0.71 21.98
N GLN B 37 11.24 -1.16 23.06
CA GLN B 37 12.63 -1.58 23.06
C GLN B 37 12.78 -3.09 23.17
N THR B 38 13.92 -3.58 22.70
CA THR B 38 14.31 -4.97 22.83
C THR B 38 15.02 -5.18 24.17
N GLN B 39 15.58 -6.37 24.38
CA GLN B 39 16.37 -6.61 25.58
C GLN B 39 17.69 -5.86 25.54
N ASP B 40 18.20 -5.57 24.34
CA ASP B 40 19.51 -4.95 24.13
C ASP B 40 19.43 -3.44 23.92
N GLY B 41 18.27 -2.83 24.14
CA GLY B 41 18.17 -1.42 23.86
C GLY B 41 18.19 -1.10 22.37
N ARG B 42 17.55 -1.94 21.56
CA ARG B 42 17.42 -1.71 20.12
C ARG B 42 15.95 -1.59 19.72
N GLY B 43 15.64 -1.82 18.45
CA GLY B 43 14.33 -1.50 17.89
C GLY B 43 13.35 -2.67 17.92
N ALA B 44 12.12 -2.37 18.33
CA ALA B 44 11.03 -3.34 18.29
C ALA B 44 9.70 -2.63 18.07
N GLY B 45 9.70 -1.62 17.20
CA GLY B 45 8.46 -0.97 16.79
C GLY B 45 8.02 0.19 17.69
N VAL B 46 6.78 0.61 17.45
CA VAL B 46 6.19 1.80 18.06
C VAL B 46 4.80 1.46 18.57
N ARG B 47 4.53 1.75 19.84
CA ARG B 47 3.23 1.50 20.45
C ARG B 47 2.45 2.80 20.51
N VAL B 48 1.15 2.75 20.19
CA VAL B 48 0.29 3.91 20.30
C VAL B 48 -0.34 3.91 21.69
N LEU B 49 -0.62 5.10 22.23
CA LEU B 49 -1.18 5.21 23.56
C LEU B 49 -2.39 6.12 23.64
N LYS B 50 -2.93 6.57 22.51
CA LYS B 50 -4.30 7.07 22.43
C LYS B 50 -5.05 6.20 21.44
N THR B 51 -6.37 6.30 21.45
CA THR B 51 -7.21 5.55 20.54
C THR B 51 -7.46 6.37 19.27
N PHE B 52 -7.17 5.76 18.11
CA PHE B 52 -7.35 6.38 16.81
C PHE B 52 -8.41 5.61 16.03
N ALA B 53 -9.45 6.31 15.60
CA ALA B 53 -10.36 5.73 14.62
C ALA B 53 -9.70 5.75 13.24
N ARG B 54 -10.08 4.80 12.39
CA ARG B 54 -9.51 4.75 11.04
C ARG B 54 -9.78 6.05 10.30
N GLY B 55 -8.88 6.40 9.38
CA GLY B 55 -9.04 7.59 8.57
C GLY B 55 -8.63 8.87 9.26
N ARG B 56 -7.72 8.79 10.22
CA ARG B 56 -7.25 9.96 10.94
C ARG B 56 -5.75 10.13 10.71
N ARG B 57 -5.31 11.39 10.66
CA ARG B 57 -3.88 11.70 10.67
C ARG B 57 -3.34 11.56 12.08
N MET B 58 -2.46 10.59 12.28
CA MET B 58 -1.89 10.34 13.58
C MET B 58 -0.68 11.20 13.88
N ALA B 59 0.07 11.59 12.85
CA ALA B 59 1.27 12.37 13.08
C ALA B 59 1.86 12.86 11.77
N ARG B 60 2.52 14.02 11.84
CA ARG B 60 3.42 14.46 10.80
C ARG B 60 4.76 13.73 10.96
N VAL B 61 5.45 13.54 9.84
CA VAL B 61 6.70 12.79 9.78
C VAL B 61 7.82 13.71 9.33
N SER B 62 9.02 13.56 9.90
CA SER B 62 10.19 14.30 9.42
C SER B 62 11.40 13.37 9.47
N GLY B 63 12.57 13.95 9.21
CA GLY B 63 13.78 13.16 9.10
C GLY B 63 14.78 13.89 8.22
N GLN B 64 15.85 13.19 7.87
CA GLN B 64 16.92 13.77 7.06
C GLN B 64 16.90 13.18 5.65
N ILE B 65 17.00 14.07 4.64
CA ILE B 65 17.14 13.64 3.26
C ILE B 65 18.44 12.88 3.06
N THR B 66 18.36 11.73 2.40
CA THR B 66 19.54 10.97 2.01
C THR B 66 19.30 10.35 0.64
N ALA B 67 20.39 10.11 -0.09
CA ALA B 67 20.32 9.48 -1.41
C ALA B 67 20.40 7.95 -1.37
N PHE B 68 20.61 7.33 -0.20
CA PHE B 68 20.87 5.90 -0.18
C PHE B 68 19.90 5.20 0.74
N CYS B 69 19.32 4.11 0.24
CA CYS B 69 18.44 3.28 1.04
C CYS B 69 19.24 2.59 2.14
N ARG B 70 18.70 2.58 3.36
CA ARG B 70 19.36 2.00 4.51
C ARG B 70 18.29 1.48 5.45
N LEU B 71 18.73 0.85 6.53
CA LEU B 71 17.85 0.65 7.66
C LEU B 71 17.38 2.01 8.14
N HIS B 72 16.09 2.09 8.50
CA HIS B 72 15.44 3.30 8.99
C HIS B 72 15.26 4.41 7.94
N THR B 73 15.51 4.14 6.66
CA THR B 73 15.13 5.08 5.61
C THR B 73 13.81 4.66 5.01
N LEU B 74 13.01 5.66 4.64
CA LEU B 74 11.78 5.46 3.89
C LEU B 74 11.92 6.11 2.53
N GLN B 75 11.35 5.49 1.51
CA GLN B 75 11.55 5.97 0.15
C GLN B 75 10.64 7.16 -0.14
N ILE B 76 11.23 8.25 -0.65
CA ILE B 76 10.48 9.46 -1.01
C ILE B 76 10.05 9.43 -2.47
N ASN B 77 10.98 9.11 -3.36
CA ASN B 77 10.77 9.05 -4.79
C ASN B 77 11.83 8.11 -5.32
N ALA B 78 12.06 8.10 -6.64
CA ALA B 78 12.83 7.00 -7.22
C ALA B 78 14.27 6.95 -6.72
N HIS B 79 14.82 8.09 -6.29
CA HIS B 79 16.24 8.17 -5.96
C HIS B 79 16.50 8.82 -4.61
N THR B 80 15.48 9.16 -3.84
CA THR B 80 15.67 9.90 -2.62
C THR B 80 14.88 9.24 -1.50
N HIS B 81 15.48 9.22 -0.30
CA HIS B 81 14.91 8.54 0.84
C HIS B 81 14.93 9.47 2.04
N LEU B 82 14.09 9.16 3.02
CA LEU B 82 13.98 9.90 4.26
C LEU B 82 14.60 9.09 5.40
N TYR B 83 15.73 9.56 5.94
CA TYR B 83 16.38 8.87 7.06
C TYR B 83 15.73 9.33 8.36
N ASP B 84 14.97 8.45 8.99
CA ASP B 84 14.22 8.74 10.22
C ASP B 84 14.46 7.58 11.18
N PRO B 85 15.55 7.62 11.96
CA PRO B 85 15.73 6.59 12.99
C PRO B 85 14.94 6.82 14.26
N HIS B 86 14.21 7.94 14.38
CA HIS B 86 13.53 8.28 15.62
C HIS B 86 12.08 7.81 15.67
N PHE B 87 11.42 7.66 14.52
CA PHE B 87 9.99 7.45 14.54
C PHE B 87 9.55 6.52 13.41
N SER B 88 9.32 7.08 12.21
CA SER B 88 8.74 6.28 11.14
C SER B 88 9.65 5.13 10.71
N GLY B 89 10.96 5.30 10.76
CA GLY B 89 11.79 4.18 10.40
C GLY B 89 11.83 3.05 11.42
N LEU B 90 11.17 3.21 12.55
CA LEU B 90 11.13 2.17 13.57
C LEU B 90 9.93 1.24 13.37
N LEU B 91 9.03 1.56 12.46
CA LEU B 91 7.80 0.79 12.31
C LEU B 91 8.09 -0.60 11.76
N LEU B 92 7.49 -1.62 12.40
CA LEU B 92 7.65 -2.99 11.95
C LEU B 92 6.70 -3.30 10.80
N HIS B 93 7.11 -4.26 9.97
CA HIS B 93 6.29 -4.67 8.87
C HIS B 93 5.04 -5.41 9.36
N SER B 94 4.00 -5.37 8.52
CA SER B 94 2.91 -6.34 8.65
C SER B 94 2.28 -6.50 7.28
N CYS B 95 1.74 -7.70 7.05
CA CYS B 95 1.01 -7.91 5.81
C CYS B 95 -0.42 -7.42 5.91
N VAL B 96 -0.91 -7.13 7.11
CA VAL B 96 -2.22 -6.48 7.26
C VAL B 96 -2.03 -5.24 8.12
N PRO B 97 -1.35 -4.21 7.61
CA PRO B 97 -0.99 -3.08 8.45
C PRO B 97 -2.20 -2.31 8.95
N ASN B 98 -2.01 -1.62 10.08
CA ASN B 98 -3.03 -0.70 10.56
C ASN B 98 -2.69 0.77 10.32
N VAL B 99 -1.54 1.09 9.70
CA VAL B 99 -1.13 2.47 9.44
C VAL B 99 -0.56 2.55 8.03
N ARG B 100 -0.71 3.72 7.40
CA ARG B 100 -0.14 3.97 6.09
C ARG B 100 0.77 5.19 6.17
N LEU B 101 1.89 5.12 5.47
CA LEU B 101 2.82 6.25 5.38
C LEU B 101 2.52 7.02 4.10
N ASP B 102 2.15 8.29 4.22
CA ASP B 102 1.93 9.13 3.05
C ASP B 102 3.23 9.86 2.81
N MET B 103 4.02 9.39 1.83
CA MET B 103 5.35 9.95 1.62
C MET B 103 5.32 11.17 0.71
N ALA B 104 4.15 11.73 0.43
CA ALA B 104 4.08 12.99 -0.31
C ALA B 104 3.74 14.16 0.62
N GLY B 105 2.74 13.97 1.48
CA GLY B 105 2.47 14.91 2.57
C GLY B 105 3.34 14.70 3.81
N PHE B 106 4.07 13.59 3.86
CA PHE B 106 4.86 13.19 5.01
C PHE B 106 4.01 13.11 6.27
N GLU B 107 3.18 12.07 6.34
CA GLU B 107 2.17 11.95 7.38
C GLU B 107 1.89 10.47 7.60
N LEU B 108 1.49 10.16 8.84
CA LEU B 108 1.10 8.83 9.27
C LEU B 108 -0.41 8.82 9.46
N TRP B 109 -1.12 7.91 8.78
CA TRP B 109 -2.57 7.84 8.81
C TRP B 109 -3.03 6.44 9.23
N SER B 110 -4.12 6.39 10.01
CA SER B 110 -4.70 5.13 10.46
C SER B 110 -5.45 4.49 9.30
N LEU B 111 -5.07 3.26 8.94
CA LEU B 111 -5.84 2.49 7.96
C LEU B 111 -7.02 1.77 8.60
N ARG B 112 -6.80 1.19 9.79
CA ARG B 112 -7.81 0.49 10.58
C ARG B 112 -8.15 1.31 11.83
N ASP B 113 -9.15 0.82 12.58
CA ASP B 113 -9.36 1.28 13.93
C ASP B 113 -8.19 0.78 14.77
N ILE B 114 -7.61 1.68 15.57
CA ILE B 114 -6.43 1.41 16.37
C ILE B 114 -6.76 1.79 17.82
N ALA B 115 -6.67 0.82 18.72
CA ALA B 115 -6.96 1.06 20.12
C ALA B 115 -5.65 1.35 20.86
N ALA B 116 -5.75 2.11 21.94
CA ALA B 116 -4.58 2.41 22.76
C ALA B 116 -3.84 1.13 23.10
N GLY B 117 -2.51 1.17 23.01
CA GLY B 117 -1.67 0.03 23.30
C GLY B 117 -1.35 -0.85 22.12
N GLU B 118 -2.02 -0.66 20.99
CA GLU B 118 -1.73 -1.44 19.80
C GLU B 118 -0.38 -1.06 19.20
N MET B 119 0.25 -2.04 18.56
CA MET B 119 1.47 -1.81 17.82
C MET B 119 1.11 -1.27 16.43
N LEU B 120 1.79 -0.20 16.02
CA LEU B 120 1.57 0.35 14.69
C LEU B 120 2.42 -0.41 13.68
N THR B 121 1.80 -0.82 12.57
CA THR B 121 2.53 -1.63 11.59
C THR B 121 2.25 -1.11 10.18
N MET B 122 3.23 -1.31 9.29
CA MET B 122 3.10 -0.84 7.91
C MET B 122 3.59 -1.93 6.95
N ASP B 123 3.02 -1.92 5.76
CA ASP B 123 3.43 -2.82 4.69
C ASP B 123 4.61 -2.16 3.98
N TYR B 124 5.81 -2.71 4.18
CA TYR B 124 7.04 -2.11 3.68
C TYR B 124 7.01 -1.94 2.18
N ALA B 125 6.33 -2.86 1.49
CA ALA B 125 6.32 -2.87 0.05
C ALA B 125 5.41 -1.79 -0.54
N SER B 126 4.58 -1.15 0.28
CA SER B 126 3.78 -0.07 -0.28
C SER B 126 4.57 1.24 -0.43
N THR B 127 5.74 1.37 0.20
CA THR B 127 6.59 2.54 -0.04
C THR B 127 7.95 2.19 -0.63
N GLU B 128 8.47 0.99 -0.38
CA GLU B 128 9.89 0.68 -0.62
C GLU B 128 10.06 -0.14 -1.90
N ASP B 129 10.88 0.36 -2.84
CA ASP B 129 11.25 -0.39 -4.05
C ASP B 129 11.98 -1.68 -3.68
N VAL B 130 13.01 -1.55 -2.84
CA VAL B 130 13.87 -2.62 -2.37
C VAL B 130 14.16 -2.34 -0.90
N LEU B 131 14.53 -3.38 -0.17
CA LEU B 131 14.90 -3.23 1.24
C LEU B 131 16.39 -3.45 1.41
N MET B 132 16.91 -3.00 2.55
CA MET B 132 18.31 -3.26 2.81
C MET B 132 18.54 -4.75 3.10
N ARG B 133 17.58 -5.42 3.71
CA ARG B 133 17.69 -6.84 4.00
C ARG B 133 16.31 -7.47 3.88
N GLN B 134 16.17 -8.49 3.03
CA GLN B 134 14.91 -9.23 2.99
C GLN B 134 14.79 -10.08 4.24
N PHE B 135 13.55 -10.38 4.64
CA PHE B 135 13.34 -11.12 5.88
C PHE B 135 12.03 -11.90 5.87
N GLU B 136 11.90 -12.79 6.86
CA GLU B 136 10.74 -13.64 7.03
C GLU B 136 9.71 -12.95 7.92
N CYS B 137 8.44 -13.05 7.55
CA CYS B 137 7.39 -12.33 8.26
C CYS B 137 6.69 -13.21 9.29
N HIS B 138 6.31 -12.60 10.40
CA HIS B 138 5.58 -13.26 11.48
C HIS B 138 4.31 -12.51 11.84
N CYS B 139 3.64 -11.86 10.88
CA CYS B 139 2.35 -11.28 11.28
C CYS B 139 1.28 -12.35 11.40
N GLY B 140 1.52 -13.55 10.88
CA GLY B 140 0.58 -14.64 10.99
C GLY B 140 -0.77 -14.43 10.33
N ALA B 141 -0.91 -13.34 9.58
CA ALA B 141 -2.10 -13.18 8.79
C ALA B 141 -2.21 -14.34 7.81
N PRO B 142 -3.41 -14.86 7.57
CA PRO B 142 -3.52 -15.98 6.60
C PRO B 142 -3.06 -15.58 5.20
N ASN B 143 -3.09 -14.29 4.88
CA ASN B 143 -2.65 -13.82 3.57
C ASN B 143 -1.25 -13.22 3.61
N CYS B 144 -0.49 -13.52 4.67
CA CYS B 144 0.90 -13.09 4.77
C CYS B 144 1.70 -13.57 3.56
N ARG B 145 2.75 -12.83 3.21
CA ARG B 145 3.62 -13.19 2.10
C ARG B 145 4.81 -14.05 2.52
N ARG B 146 5.03 -14.22 3.82
CA ARG B 146 6.07 -15.10 4.39
C ARG B 146 7.48 -14.53 4.23
N TRP B 147 7.85 -14.15 3.02
CA TRP B 147 9.15 -13.56 2.76
C TRP B 147 8.94 -12.14 2.26
N ILE B 148 9.61 -11.19 2.90
CA ILE B 148 9.35 -9.77 2.69
C ILE B 148 10.46 -9.15 1.86
N THR B 149 10.07 -8.49 0.77
CA THR B 149 10.97 -7.76 -0.09
C THR B 149 10.33 -6.41 -0.38
N GLY B 150 11.12 -5.53 -1.01
CA GLY B 150 10.54 -4.34 -1.63
C GLY B 150 9.56 -4.74 -2.71
N ALA B 151 8.79 -3.75 -3.17
CA ALA B 151 7.82 -4.02 -4.23
C ALA B 151 8.51 -4.35 -5.54
N LYS B 152 9.71 -3.84 -5.80
CA LYS B 152 10.37 -4.08 -7.09
C LYS B 152 11.53 -5.06 -6.97
N GLU B 153 11.53 -5.91 -5.93
CA GLU B 153 12.68 -6.71 -5.56
C GLU B 153 12.33 -8.19 -5.60
N LEU B 154 13.15 -8.98 -6.28
CA LEU B 154 12.93 -10.41 -6.29
C LEU B 154 13.44 -11.04 -5.00
N PRO B 155 12.76 -12.09 -4.49
CA PRO B 155 13.36 -12.90 -3.42
C PRO B 155 14.81 -13.26 -3.76
N ASN B 156 15.67 -13.25 -2.73
CA ASN B 156 17.06 -13.64 -2.93
C ASN B 156 17.15 -15.16 -2.83
N ASP B 157 18.36 -15.72 -2.75
CA ASP B 157 18.44 -17.17 -2.80
C ASP B 157 17.96 -17.84 -1.51
N ILE B 158 18.15 -17.21 -0.33
CA ILE B 158 17.44 -17.68 0.85
C ILE B 158 15.94 -17.58 0.63
N GLY B 159 15.49 -16.49 0.03
CA GLY B 159 14.06 -16.21 -0.04
C GLY B 159 13.27 -17.32 -0.71
N GLN B 160 13.75 -17.79 -1.87
CA GLN B 160 13.08 -18.89 -2.57
C GLN B 160 12.81 -20.06 -1.64
N ALA B 161 13.86 -20.58 -1.00
CA ALA B 161 13.75 -21.74 -0.13
C ALA B 161 12.51 -21.70 0.76
N LEU B 162 12.41 -20.69 1.64
CA LEU B 162 11.22 -20.58 2.48
C LEU B 162 9.95 -20.52 1.63
N LEU B 163 9.99 -19.76 0.54
CA LEU B 163 8.85 -19.68 -0.39
C LEU B 163 8.72 -20.96 -1.21
N ALA B 164 9.68 -21.19 -2.12
CA ALA B 164 9.68 -22.35 -3.00
C ALA B 164 9.73 -23.67 -2.24
N GLY B 165 9.90 -23.65 -0.92
CA GLY B 165 9.75 -24.85 -0.14
C GLY B 165 8.36 -24.95 0.43
N LEU B 166 7.84 -23.84 0.96
CA LEU B 166 6.52 -23.86 1.58
C LEU B 166 5.40 -24.01 0.57
N ARG B 167 5.78 -24.31 -0.66
CA ARG B 167 4.82 -24.60 -1.71
C ARG B 167 4.71 -26.12 -1.72
N ALA B 168 5.17 -26.78 -0.64
CA ALA B 168 5.04 -28.23 -0.52
C ALA B 168 3.77 -28.38 0.19
N ALA B 169 3.23 -27.27 0.65
CA ALA B 169 1.96 -27.27 1.34
C ALA B 169 0.88 -27.47 0.31
N ALA B 170 1.24 -28.06 -0.82
CA ALA B 170 0.29 -28.39 -1.84
C ALA B 170 -0.62 -29.39 -1.21
N LEU B 171 -0.03 -30.37 -0.54
CA LEU B 171 -0.80 -31.38 0.14
C LEU B 171 -1.07 -30.97 1.57
#